data_9G5H
#
_entry.id   9G5H
#
_cell.length_a   64.972
_cell.length_b   70.899
_cell.length_c   105.290
_cell.angle_alpha   90.000
_cell.angle_beta   90.000
_cell.angle_gamma   90.000
#
_symmetry.space_group_name_H-M   'P 21 21 21'
#
loop_
_entity.id
_entity.type
_entity.pdbx_description
1 polymer 'Cellular tumor antigen p53'
2 non-polymer 5-chloranylpyrazine-2-carbonitrile
3 non-polymer '4-(2-HYDROXYETHYL)-1-PIPERAZINE ETHANESULFONIC ACID'
4 non-polymer DI(HYDROXYETHYL)ETHER
5 non-polymer 1,2-ETHANEDIOL
6 non-polymer 'ZINC ION'
7 non-polymer GLYCEROL
8 water water
#
_entity_poly.entity_id   1
_entity_poly.type   'polypeptide(L)'
_entity_poly.pdbx_seq_one_letter_code
;SSSVPSQKTYQGSYGFRLGFLHSGTAKSVTCTYSPALNKLFCQLAKTCPVQLWVDSTPPPGTRVRAMAIYKQSQHMTEVV
RRCPHHERCSDSDGLAPPQHLIRVEGNLRAEYLDDRNTFRHSVVVPCEPPEVGSDCTTIHYNYMCYSSCMGGMNRRPILT
IITLEDSSGNLLGRDSFEVRVCACPGRDRRTEEENLRKKGEPHHELPPGSTKRALPNNT
;
_entity_poly.pdbx_strand_id   A,B
#
# COMPACT_ATOMS: atom_id res chain seq x y z
N SER A 2 -2.77 -3.10 15.44
CA SER A 2 -4.04 -2.59 14.95
C SER A 2 -4.14 -2.73 13.43
N SER A 3 -5.35 -3.02 12.94
CA SER A 3 -5.60 -3.08 11.51
C SER A 3 -5.10 -1.80 10.83
N VAL A 4 -4.77 -1.91 9.55
CA VAL A 4 -4.10 -0.83 8.83
C VAL A 4 -5.11 -0.14 7.92
N PRO A 5 -5.34 1.16 8.07
CA PRO A 5 -6.19 1.90 7.13
C PRO A 5 -5.61 1.85 5.72
N SER A 6 -6.51 1.80 4.74
CA SER A 6 -6.07 1.85 3.35
C SER A 6 -5.41 3.19 3.04
N GLN A 7 -4.37 3.15 2.20
CA GLN A 7 -3.73 4.34 1.68
C GLN A 7 -3.92 4.51 0.18
N LYS A 8 -4.85 3.76 -0.43
CA LYS A 8 -5.01 3.78 -1.88
C LYS A 8 -5.62 5.11 -2.32
N THR A 9 -4.97 5.78 -3.28
CA THR A 9 -5.50 7.03 -3.79
C THR A 9 -6.82 6.76 -4.51
N TYR A 10 -7.82 7.58 -4.24
CA TYR A 10 -9.18 7.36 -4.75
C TYR A 10 -9.82 8.73 -4.95
N GLN A 11 -9.92 9.17 -6.21
CA GLN A 11 -10.53 10.46 -6.47
C GLN A 11 -12.04 10.44 -6.18
N GLY A 12 -12.70 9.33 -6.48
CA GLY A 12 -14.12 9.19 -6.22
C GLY A 12 -14.98 10.09 -7.14
N SER A 13 -16.25 10.17 -6.76
CA SER A 13 -17.26 10.81 -7.61
C SER A 13 -17.04 12.31 -7.74
N TYR A 14 -16.39 12.95 -6.76
CA TYR A 14 -16.21 14.39 -6.75
C TYR A 14 -14.83 14.81 -7.23
N GLY A 15 -14.00 13.87 -7.65
CA GLY A 15 -12.68 14.20 -8.15
C GLY A 15 -11.78 14.78 -7.09
N PHE A 16 -11.75 14.15 -5.92
CA PHE A 16 -11.04 14.68 -4.77
C PHE A 16 -9.53 14.44 -4.89
N ARG A 17 -8.74 15.49 -4.64
CA ARG A 17 -7.29 15.33 -4.54
C ARG A 17 -6.71 16.48 -3.74
N LEU A 18 -5.51 16.26 -3.22
CA LEU A 18 -4.79 17.28 -2.47
C LEU A 18 -3.97 18.17 -3.42
N GLY A 19 -3.54 19.30 -2.88
CA GLY A 19 -2.58 20.13 -3.59
C GLY A 19 -1.71 20.84 -2.57
N PHE A 20 -0.52 21.22 -3.01
CA PHE A 20 0.42 21.90 -2.14
C PHE A 20 0.97 23.14 -2.82
N LEU A 21 1.18 24.18 -2.03
CA LEU A 21 1.86 25.38 -2.50
C LEU A 21 3.33 25.09 -2.81
N HIS A 22 3.97 25.99 -3.55
CA HIS A 22 5.38 25.85 -3.92
C HIS A 22 6.21 26.77 -3.02
N SER A 23 6.80 26.19 -1.97
CA SER A 23 7.48 26.95 -0.93
C SER A 23 8.98 27.10 -1.13
N GLY A 24 9.61 26.24 -1.94
CA GLY A 24 11.05 26.29 -2.11
C GLY A 24 11.78 25.55 -1.00
N THR A 25 13.11 25.61 -1.06
CA THR A 25 13.96 24.89 -0.10
C THR A 25 14.98 25.82 0.57
N ALA A 26 14.64 27.09 0.76
CA ALA A 26 15.52 27.98 1.50
C ALA A 26 15.68 27.51 2.93
N LYS A 27 16.81 27.89 3.55
CA LYS A 27 17.03 27.56 4.95
C LYS A 27 15.98 28.17 5.86
N SER A 28 15.30 29.23 5.41
CA SER A 28 14.24 29.84 6.19
C SER A 28 12.90 29.14 6.05
N VAL A 29 12.79 28.11 5.20
CA VAL A 29 11.49 27.50 4.99
C VAL A 29 11.12 26.64 6.19
N THR A 30 9.86 26.72 6.60
CA THR A 30 9.34 25.96 7.72
C THR A 30 8.49 24.77 7.27
N CYS A 31 8.12 24.73 6.00
N CYS A 31 8.09 24.75 6.00
CA CYS A 31 7.24 23.69 5.46
CA CYS A 31 7.29 23.66 5.46
C CYS A 31 7.41 23.70 3.95
C CYS A 31 7.45 23.70 3.96
N THR A 32 7.80 22.56 3.38
CA THR A 32 8.03 22.47 1.94
C THR A 32 7.62 21.09 1.46
N TYR A 33 7.00 21.03 0.29
CA TYR A 33 6.47 19.79 -0.24
C TYR A 33 7.27 19.38 -1.46
N SER A 34 7.65 18.11 -1.51
CA SER A 34 8.38 17.57 -2.66
C SER A 34 7.46 16.71 -3.52
N PRO A 35 7.06 17.17 -4.70
CA PRO A 35 6.27 16.30 -5.59
C PRO A 35 7.01 15.06 -6.01
N ALA A 36 8.33 15.14 -6.16
CA ALA A 36 9.07 13.98 -6.65
C ALA A 36 9.06 12.84 -5.64
N LEU A 37 9.04 13.18 -4.36
CA LEU A 37 8.97 12.20 -3.28
C LEU A 37 7.57 12.02 -2.72
N ASN A 38 6.60 12.82 -3.17
CA ASN A 38 5.29 12.94 -2.53
C ASN A 38 5.45 13.02 -1.02
N LYS A 39 6.26 13.99 -0.59
CA LYS A 39 6.67 14.05 0.80
C LYS A 39 6.67 15.50 1.28
N LEU A 40 6.01 15.74 2.41
CA LEU A 40 6.02 17.05 3.05
C LEU A 40 7.13 17.07 4.09
N PHE A 41 7.94 18.14 4.09
CA PHE A 41 8.96 18.36 5.11
C PHE A 41 8.54 19.57 5.92
N CYS A 42 8.43 19.42 7.23
CA CYS A 42 7.97 20.56 8.02
C CYS A 42 8.65 20.57 9.39
N GLN A 43 8.71 21.76 9.98
CA GLN A 43 9.20 21.90 11.34
C GLN A 43 8.10 21.59 12.34
N LEU A 44 8.52 21.37 13.59
CA LEU A 44 7.60 21.00 14.66
C LEU A 44 6.58 22.10 14.91
N ALA A 45 5.30 21.74 14.88
CA ALA A 45 4.17 22.59 15.27
C ALA A 45 3.99 23.79 14.36
N LYS A 46 4.62 23.82 13.19
CA LYS A 46 4.45 24.91 12.24
C LYS A 46 3.26 24.63 11.33
N THR A 47 2.65 25.71 10.83
CA THR A 47 1.50 25.61 9.95
C THR A 47 1.87 24.94 8.65
N CYS A 48 1.12 23.89 8.28
CA CYS A 48 1.28 23.20 7.00
C CYS A 48 0.02 23.35 6.18
N PRO A 49 -0.03 24.27 5.21
CA PRO A 49 -1.24 24.44 4.40
C PRO A 49 -1.35 23.34 3.36
N VAL A 50 -2.51 22.69 3.35
CA VAL A 50 -2.82 21.65 2.38
C VAL A 50 -4.09 22.05 1.65
N GLN A 51 -4.02 22.07 0.32
CA GLN A 51 -5.17 22.40 -0.51
C GLN A 51 -6.04 21.19 -0.73
N LEU A 52 -7.36 21.41 -0.73
CA LEU A 52 -8.33 20.40 -1.10
C LEU A 52 -8.95 20.80 -2.43
N TRP A 53 -8.88 19.91 -3.42
CA TRP A 53 -9.42 20.17 -4.73
C TRP A 53 -10.50 19.15 -5.05
N VAL A 54 -11.60 19.62 -5.65
CA VAL A 54 -12.66 18.72 -6.14
C VAL A 54 -13.10 19.23 -7.51
N ASP A 55 -13.56 18.29 -8.35
CA ASP A 55 -14.13 18.67 -9.65
C ASP A 55 -15.58 19.11 -9.53
N SER A 56 -16.31 18.59 -8.54
CA SER A 56 -17.69 18.96 -8.27
C SER A 56 -17.90 19.07 -6.76
N THR A 57 -18.80 19.95 -6.36
CA THR A 57 -19.03 20.24 -4.94
C THR A 57 -19.72 19.08 -4.24
N PRO A 58 -19.13 18.51 -3.19
CA PRO A 58 -19.78 17.41 -2.46
C PRO A 58 -20.94 17.91 -1.62
N PRO A 59 -21.77 16.99 -1.11
CA PRO A 59 -22.98 17.40 -0.38
C PRO A 59 -22.65 18.11 0.91
N PRO A 60 -23.56 18.95 1.42
CA PRO A 60 -23.39 19.48 2.78
C PRO A 60 -23.27 18.35 3.79
N GLY A 61 -22.36 18.51 4.74
CA GLY A 61 -22.09 17.48 5.72
C GLY A 61 -20.94 16.59 5.36
N THR A 62 -20.37 16.74 4.16
CA THR A 62 -19.12 16.09 3.82
C THR A 62 -18.03 16.58 4.76
N ARG A 63 -17.11 15.69 5.12
CA ARG A 63 -16.04 16.03 6.06
C ARG A 63 -14.70 15.58 5.51
N VAL A 64 -13.63 16.10 6.12
CA VAL A 64 -12.27 15.79 5.69
C VAL A 64 -11.49 15.34 6.91
N ARG A 65 -10.97 14.12 6.86
CA ARG A 65 -10.27 13.50 7.99
C ARG A 65 -8.81 13.31 7.65
N ALA A 66 -7.93 13.53 8.62
CA ALA A 66 -6.50 13.25 8.49
C ALA A 66 -6.08 12.23 9.55
N MET A 67 -5.21 11.30 9.13
CA MET A 67 -4.71 10.25 10.02
C MET A 67 -3.30 9.91 9.61
N ALA A 68 -2.44 9.60 10.58
CA ALA A 68 -1.06 9.21 10.30
C ALA A 68 -0.91 7.71 10.48
N ILE A 69 -0.15 7.06 9.58
CA ILE A 69 0.25 5.67 9.76
C ILE A 69 1.74 5.56 9.45
N TYR A 70 2.38 4.54 10.00
CA TYR A 70 3.77 4.29 9.64
C TYR A 70 3.84 3.76 8.21
N LYS A 71 4.86 4.21 7.47
CA LYS A 71 4.99 3.86 6.05
C LYS A 71 5.48 2.44 5.85
N GLN A 72 6.37 1.98 6.73
CA GLN A 72 7.04 0.69 6.54
C GLN A 72 6.15 -0.47 6.96
N SER A 73 6.20 -1.55 6.17
CA SER A 73 5.32 -2.70 6.38
C SER A 73 5.44 -3.22 7.81
N GLN A 74 6.66 -3.26 8.34
CA GLN A 74 6.91 -3.84 9.65
C GLN A 74 6.37 -2.99 10.80
N HIS A 75 5.96 -1.74 10.54
CA HIS A 75 5.46 -0.89 11.60
C HIS A 75 4.04 -0.39 11.37
N MET A 76 3.41 -0.71 10.24
CA MET A 76 2.14 -0.04 9.96
C MET A 76 1.03 -0.44 10.92
N THR A 77 1.19 -1.54 11.66
CA THR A 77 0.17 -1.90 12.65
C THR A 77 0.29 -1.10 13.95
N GLU A 78 1.34 -0.29 14.12
CA GLU A 78 1.54 0.46 15.36
C GLU A 78 0.87 1.81 15.26
N VAL A 79 0.12 2.20 16.29
CA VAL A 79 -0.55 3.50 16.29
C VAL A 79 0.49 4.60 16.30
N VAL A 80 0.33 5.58 15.42
CA VAL A 80 1.20 6.76 15.40
C VAL A 80 0.69 7.73 16.46
N ARG A 81 1.56 8.08 17.40
CA ARG A 81 1.19 8.96 18.51
C ARG A 81 2.38 9.84 18.87
N ARG A 82 2.10 10.90 19.64
CA ARG A 82 3.17 11.71 20.19
C ARG A 82 4.01 10.90 21.19
N CYS A 83 5.32 11.24 21.24
CA CYS A 83 6.28 10.59 22.11
C CYS A 83 5.99 10.90 23.58
N PRO A 84 6.62 10.19 24.52
CA PRO A 84 6.32 10.43 25.95
C PRO A 84 6.64 11.84 26.41
N HIS A 85 7.56 12.53 25.74
CA HIS A 85 7.90 13.90 26.10
C HIS A 85 6.83 14.87 25.60
N HIS A 86 6.54 14.84 24.30
CA HIS A 86 5.64 15.84 23.74
C HIS A 86 4.20 15.64 24.20
N GLU A 87 3.79 14.41 24.51
CA GLU A 87 2.41 14.24 24.95
C GLU A 87 2.18 14.90 26.30
N ARG A 88 3.24 15.22 27.03
CA ARG A 88 3.15 15.90 28.31
C ARG A 88 3.52 17.36 28.19
N CYS A 89 3.72 17.87 26.99
CA CYS A 89 3.93 19.30 26.79
C CYS A 89 2.68 20.07 27.13
N SER A 90 2.86 21.26 27.72
CA SER A 90 1.73 22.16 27.94
C SER A 90 1.55 23.02 26.69
N ASP A 91 1.04 22.37 25.64
CA ASP A 91 0.82 23.02 24.35
C ASP A 91 -0.58 22.73 23.83
N SER A 92 -1.51 22.47 24.74
CA SER A 92 -2.89 22.22 24.34
C SER A 92 -3.47 23.46 23.68
N ASP A 93 -4.27 23.26 22.64
CA ASP A 93 -5.02 24.33 22.01
C ASP A 93 -6.47 24.36 22.48
N GLY A 94 -6.81 23.56 23.49
CA GLY A 94 -8.16 23.48 24.00
C GLY A 94 -9.01 22.41 23.36
N LEU A 95 -8.60 21.88 22.20
CA LEU A 95 -9.41 20.91 21.47
C LEU A 95 -8.68 19.61 21.22
N ALA A 96 -7.43 19.68 20.80
CA ALA A 96 -6.68 18.48 20.44
C ALA A 96 -6.27 17.73 21.70
N PRO A 97 -6.54 16.44 21.78
CA PRO A 97 -5.97 15.66 22.87
C PRO A 97 -4.45 15.71 22.81
N PRO A 98 -3.78 15.69 23.95
CA PRO A 98 -2.32 15.84 23.97
C PRO A 98 -1.58 14.71 23.29
N GLN A 99 -2.22 13.56 23.07
CA GLN A 99 -1.55 12.43 22.45
C GLN A 99 -1.51 12.52 20.92
N HIS A 100 -2.33 13.37 20.31
CA HIS A 100 -2.49 13.35 18.86
C HIS A 100 -1.32 14.05 18.15
N LEU A 101 -0.76 13.36 17.15
CA LEU A 101 0.32 13.94 16.37
C LEU A 101 -0.18 15.07 15.48
N ILE A 102 -1.32 14.88 14.82
CA ILE A 102 -1.81 15.82 13.82
C ILE A 102 -2.92 16.67 14.41
N ARG A 103 -2.76 17.99 14.30
CA ARG A 103 -3.81 18.92 14.69
C ARG A 103 -4.26 19.71 13.49
N VAL A 104 -5.51 20.18 13.53
CA VAL A 104 -5.98 21.22 12.61
C VAL A 104 -5.89 22.56 13.33
N GLU A 105 -5.25 23.53 12.69
CA GLU A 105 -5.07 24.86 13.25
C GLU A 105 -6.21 25.78 12.82
N GLY A 106 -6.71 26.58 13.75
CA GLY A 106 -7.67 27.61 13.41
C GLY A 106 -8.98 27.12 12.82
N ASN A 107 -9.53 26.02 13.34
CA ASN A 107 -10.87 25.59 12.94
C ASN A 107 -11.58 25.10 14.21
N LEU A 108 -12.53 25.89 14.70
CA LEU A 108 -13.24 25.55 15.92
C LEU A 108 -14.19 24.37 15.76
N ARG A 109 -14.48 23.95 14.53
CA ARG A 109 -15.29 22.76 14.30
C ARG A 109 -14.45 21.51 14.10
N ALA A 110 -13.15 21.60 14.32
CA ALA A 110 -12.32 20.39 14.30
C ALA A 110 -12.76 19.44 15.40
N GLU A 111 -12.84 18.16 15.06
CA GLU A 111 -13.13 17.10 16.02
C GLU A 111 -12.00 16.08 16.00
N TYR A 112 -11.64 15.59 17.18
CA TYR A 112 -10.57 14.61 17.34
C TYR A 112 -11.14 13.29 17.78
N LEU A 113 -10.72 12.22 17.10
CA LEU A 113 -11.26 10.89 17.37
C LEU A 113 -10.15 9.95 17.84
N ASP A 114 -10.44 9.23 18.91
CA ASP A 114 -9.71 8.03 19.29
C ASP A 114 -10.62 6.85 18.94
N ASP A 115 -10.25 6.10 17.91
CA ASP A 115 -11.08 5.00 17.44
C ASP A 115 -11.21 3.93 18.52
N ARG A 116 -12.45 3.54 18.82
CA ARG A 116 -12.68 2.60 19.91
C ARG A 116 -12.16 1.19 19.61
N ASN A 117 -11.94 0.86 18.34
CA ASN A 117 -11.54 -0.49 17.95
C ASN A 117 -10.10 -0.59 17.49
N THR A 118 -9.60 0.39 16.74
CA THR A 118 -8.22 0.40 16.28
C THR A 118 -7.30 1.23 17.17
N PHE A 119 -7.87 2.13 17.98
CA PHE A 119 -7.15 3.05 18.86
C PHE A 119 -6.40 4.12 18.09
N ARG A 120 -6.60 4.20 16.78
CA ARG A 120 -5.90 5.21 15.99
C ARG A 120 -6.53 6.59 16.19
N HIS A 121 -5.69 7.60 16.04
CA HIS A 121 -6.09 9.00 16.20
C HIS A 121 -6.38 9.60 14.84
N SER A 122 -7.36 10.50 14.80
CA SER A 122 -7.60 11.25 13.58
C SER A 122 -8.25 12.58 13.96
N VAL A 123 -8.19 13.53 13.02
CA VAL A 123 -8.83 14.83 13.20
C VAL A 123 -9.65 15.12 11.95
N VAL A 124 -10.88 15.58 12.14
CA VAL A 124 -11.83 15.74 11.04
C VAL A 124 -12.49 17.12 11.13
N VAL A 125 -12.66 17.75 9.98
CA VAL A 125 -13.33 19.05 9.91
C VAL A 125 -14.42 18.99 8.85
N PRO A 126 -15.42 19.85 8.95
CA PRO A 126 -16.43 19.94 7.87
C PRO A 126 -15.80 20.45 6.58
N CYS A 127 -16.13 19.80 5.47
CA CYS A 127 -15.74 20.31 4.18
C CYS A 127 -16.55 21.56 3.89
N GLU A 128 -15.91 22.56 3.33
CA GLU A 128 -16.61 23.80 2.98
C GLU A 128 -16.33 24.16 1.53
N PRO A 129 -17.29 24.82 0.88
CA PRO A 129 -17.05 25.28 -0.49
C PRO A 129 -15.99 26.36 -0.52
N PRO A 130 -15.25 26.50 -1.62
CA PRO A 130 -14.25 27.57 -1.70
C PRO A 130 -14.89 28.94 -1.53
N GLU A 131 -14.11 29.89 -1.03
CA GLU A 131 -14.58 31.24 -0.85
C GLU A 131 -14.82 31.90 -2.21
N VAL A 132 -15.46 33.08 -2.16
CA VAL A 132 -15.71 33.83 -3.38
C VAL A 132 -14.39 34.24 -4.00
N GLY A 133 -14.22 33.93 -5.28
CA GLY A 133 -13.00 34.25 -5.99
C GLY A 133 -11.88 33.23 -5.87
N SER A 134 -12.12 32.09 -5.23
CA SER A 134 -11.12 31.05 -5.05
C SER A 134 -11.60 29.75 -5.66
N ASP A 135 -10.66 28.86 -5.95
CA ASP A 135 -10.95 27.61 -6.64
C ASP A 135 -10.72 26.39 -5.77
N CYS A 136 -10.28 26.56 -4.53
CA CYS A 136 -10.02 25.43 -3.66
C CYS A 136 -10.13 25.90 -2.22
N THR A 137 -10.19 24.95 -1.31
CA THR A 137 -10.10 25.28 0.10
C THR A 137 -8.76 24.80 0.65
N THR A 138 -8.39 25.34 1.80
CA THR A 138 -7.12 25.01 2.43
C THR A 138 -7.39 24.60 3.87
N ILE A 139 -6.73 23.54 4.33
CA ILE A 139 -6.71 23.16 5.73
C ILE A 139 -5.30 23.39 6.26
N HIS A 140 -5.18 23.91 7.48
CA HIS A 140 -3.87 24.13 8.09
C HIS A 140 -3.61 23.05 9.13
N TYR A 141 -2.61 22.19 8.85
CA TYR A 141 -2.25 21.10 9.76
C TYR A 141 -1.01 21.45 10.55
N ASN A 142 -0.89 20.89 11.76
CA ASN A 142 0.33 20.96 12.58
C ASN A 142 0.77 19.54 12.91
N TYR A 143 2.07 19.29 12.88
CA TYR A 143 2.61 18.02 13.34
C TYR A 143 3.37 18.28 14.63
N MET A 144 2.98 17.57 15.70
CA MET A 144 3.35 17.96 17.06
C MET A 144 4.47 17.10 17.67
N CYS A 145 5.20 16.36 16.84
CA CYS A 145 6.34 15.55 17.23
C CYS A 145 7.31 15.53 16.08
N TYR A 146 8.61 15.42 16.39
CA TYR A 146 9.60 15.20 15.35
C TYR A 146 9.62 13.74 14.91
N SER A 147 9.96 13.52 13.64
CA SER A 147 10.12 12.14 13.16
C SER A 147 11.14 11.40 14.01
N SER A 148 12.11 12.11 14.55
CA SER A 148 13.20 11.50 15.29
C SER A 148 12.88 11.24 16.76
N CYS A 149 11.70 11.61 17.25
CA CYS A 149 11.47 11.55 18.69
C CYS A 149 11.57 10.13 19.23
N MET A 150 12.40 9.94 20.25
CA MET A 150 12.55 8.63 20.87
C MET A 150 11.29 8.25 21.64
N GLY A 151 10.92 6.98 21.59
CA GLY A 151 9.68 6.51 22.15
C GLY A 151 8.45 6.90 21.37
N GLY A 152 8.61 7.59 20.24
CA GLY A 152 7.52 7.96 19.36
C GLY A 152 7.81 7.45 17.97
N MET A 153 7.80 8.33 16.97
CA MET A 153 8.07 7.87 15.61
C MET A 153 9.46 7.24 15.49
N ASN A 154 10.43 7.73 16.27
N ASN A 154 10.43 7.72 16.28
CA ASN A 154 11.73 7.08 16.42
CA ASN A 154 11.73 7.08 16.41
C ASN A 154 12.42 6.88 15.06
C ASN A 154 12.42 6.88 15.05
N ARG A 155 12.44 7.96 14.26
CA ARG A 155 13.08 8.03 12.94
C ARG A 155 12.34 7.24 11.88
N ARG A 156 11.18 6.67 12.19
CA ARG A 156 10.41 5.92 11.20
C ARG A 156 9.56 6.86 10.36
N PRO A 157 9.53 6.71 9.04
CA PRO A 157 8.67 7.57 8.22
C PRO A 157 7.19 7.28 8.43
N ILE A 158 6.38 8.31 8.28
CA ILE A 158 4.93 8.16 8.38
C ILE A 158 4.29 8.68 7.09
N LEU A 159 3.06 8.26 6.86
CA LEU A 159 2.20 8.82 5.85
C LEU A 159 1.04 9.51 6.54
N THR A 160 0.60 10.62 5.96
CA THR A 160 -0.69 11.21 6.32
C THR A 160 -1.70 10.79 5.26
N ILE A 161 -2.83 10.25 5.71
CA ILE A 161 -3.92 9.84 4.83
C ILE A 161 -5.04 10.85 5.02
N ILE A 162 -5.48 11.47 3.93
CA ILE A 162 -6.56 12.44 3.96
C ILE A 162 -7.75 11.79 3.28
N THR A 163 -8.88 11.69 4.00
CA THR A 163 -10.06 11.06 3.41
C THR A 163 -11.21 12.06 3.36
N LEU A 164 -11.91 12.05 2.23
CA LEU A 164 -13.18 12.75 2.09
C LEU A 164 -14.27 11.77 2.48
N GLU A 165 -15.15 12.17 3.40
CA GLU A 165 -16.17 11.29 3.95
C GLU A 165 -17.54 11.94 3.91
N ASP A 166 -18.57 11.10 3.82
CA ASP A 166 -19.92 11.65 3.97
C ASP A 166 -20.25 11.81 5.45
N SER A 167 -21.48 12.23 5.73
CA SER A 167 -21.85 12.53 7.12
C SER A 167 -21.84 11.30 8.03
N SER A 168 -21.91 10.09 7.47
CA SER A 168 -21.81 8.87 8.28
C SER A 168 -20.38 8.38 8.45
N GLY A 169 -19.42 9.00 7.77
CA GLY A 169 -18.06 8.52 7.76
C GLY A 169 -17.70 7.59 6.62
N ASN A 170 -18.62 7.35 5.68
CA ASN A 170 -18.30 6.51 4.53
C ASN A 170 -17.33 7.20 3.58
N LEU A 171 -16.53 6.39 2.90
CA LEU A 171 -15.46 6.92 2.06
C LEU A 171 -16.01 7.56 0.79
N LEU A 172 -15.60 8.80 0.53
CA LEU A 172 -15.86 9.45 -0.76
C LEU A 172 -14.60 9.68 -1.58
N GLY A 173 -13.45 9.79 -0.94
CA GLY A 173 -12.20 10.06 -1.63
C GLY A 173 -11.05 9.91 -0.68
N ARG A 174 -9.86 9.70 -1.25
CA ARG A 174 -8.67 9.46 -0.43
C ARG A 174 -7.42 9.93 -1.16
N ASP A 175 -6.50 10.53 -0.42
CA ASP A 175 -5.20 10.92 -0.96
C ASP A 175 -4.22 10.81 0.21
N SER A 176 -2.91 10.85 -0.10
CA SER A 176 -1.94 10.67 0.99
C SER A 176 -0.60 11.26 0.58
N PHE A 177 0.25 11.47 1.57
CA PHE A 177 1.59 11.98 1.36
C PHE A 177 2.46 11.55 2.55
N GLU A 178 3.74 11.31 2.27
CA GLU A 178 4.70 11.07 3.34
C GLU A 178 5.02 12.38 4.06
N VAL A 179 5.41 12.27 5.33
CA VAL A 179 5.77 13.45 6.12
C VAL A 179 7.08 13.18 6.83
N ARG A 180 7.97 14.17 6.85
CA ARG A 180 9.10 14.19 7.76
C ARG A 180 9.02 15.48 8.58
N VAL A 181 8.93 15.35 9.90
CA VAL A 181 8.94 16.49 10.81
C VAL A 181 10.37 16.63 11.31
N CYS A 182 11.00 17.76 10.99
CA CYS A 182 12.44 17.90 11.19
C CYS A 182 12.80 19.36 11.38
N ALA A 183 14.02 19.59 11.87
CA ALA A 183 14.47 20.94 12.17
C ALA A 183 14.77 21.75 10.92
N CYS A 184 15.21 21.11 9.83
CA CYS A 184 15.69 21.79 8.64
C CYS A 184 15.01 21.21 7.40
N PRO A 185 13.73 21.54 7.21
CA PRO A 185 12.99 20.93 6.09
C PRO A 185 13.56 21.25 4.71
N GLY A 186 14.04 22.47 4.49
CA GLY A 186 14.62 22.79 3.19
C GLY A 186 15.84 21.93 2.89
N ARG A 187 16.76 21.82 3.85
CA ARG A 187 17.95 21.02 3.67
C ARG A 187 17.60 19.54 3.45
N ASP A 188 16.67 19.02 4.24
CA ASP A 188 16.36 17.60 4.14
C ASP A 188 15.66 17.29 2.83
N ARG A 189 14.76 18.16 2.37
CA ARG A 189 14.14 17.94 1.06
C ARG A 189 15.20 17.92 -0.04
N ARG A 190 16.15 18.86 0.01
CA ARG A 190 17.20 18.88 -1.02
C ARG A 190 18.00 17.58 -1.01
N THR A 191 18.37 17.11 0.18
CA THR A 191 19.15 15.88 0.30
C THR A 191 18.38 14.69 -0.26
N GLU A 192 17.11 14.53 0.14
CA GLU A 192 16.36 13.35 -0.27
C GLU A 192 16.06 13.39 -1.76
N GLU A 193 15.88 14.58 -2.34
CA GLU A 193 15.69 14.66 -3.79
C GLU A 193 16.97 14.31 -4.53
N GLU A 194 18.12 14.75 -4.00
CA GLU A 194 19.40 14.37 -4.60
C GLU A 194 19.63 12.86 -4.53
N ASN A 195 19.32 12.25 -3.39
CA ASN A 195 19.46 10.80 -3.27
C ASN A 195 18.59 10.09 -4.28
N LEU A 196 17.33 10.53 -4.43
CA LEU A 196 16.43 9.91 -5.39
C LEU A 196 17.01 9.98 -6.80
N ARG A 197 17.60 11.11 -7.17
CA ARG A 197 18.24 11.23 -8.48
C ARG A 197 19.41 10.26 -8.61
N LYS A 198 20.23 10.13 -7.58
CA LYS A 198 21.41 9.28 -7.63
C LYS A 198 21.04 7.80 -7.70
N SER B 1 2.47 -33.59 2.05
CA SER B 1 1.30 -33.93 2.84
C SER B 1 -0.01 -33.28 2.34
N SER B 2 0.07 -32.48 1.27
CA SER B 2 -1.12 -31.82 0.75
C SER B 2 -1.28 -32.12 -0.74
N SER B 3 -2.54 -32.18 -1.18
N SER B 3 -2.53 -32.20 -1.19
CA SER B 3 -2.84 -32.33 -2.59
CA SER B 3 -2.80 -32.38 -2.60
C SER B 3 -2.26 -31.17 -3.39
C SER B 3 -2.26 -31.18 -3.39
N VAL B 4 -1.87 -31.44 -4.63
CA VAL B 4 -1.18 -30.46 -5.46
C VAL B 4 -2.16 -29.88 -6.47
N PRO B 5 -2.42 -28.57 -6.44
CA PRO B 5 -3.27 -27.97 -7.47
C PRO B 5 -2.62 -28.07 -8.84
N SER B 6 -3.47 -28.18 -9.85
CA SER B 6 -2.95 -28.17 -11.21
C SER B 6 -2.28 -26.84 -11.51
N GLN B 7 -1.20 -26.90 -12.31
CA GLN B 7 -0.56 -25.70 -12.82
C GLN B 7 -0.73 -25.56 -14.33
N LYS B 8 -1.59 -26.37 -14.93
CA LYS B 8 -1.69 -26.40 -16.39
C LYS B 8 -2.35 -25.13 -16.91
N THR B 9 -1.68 -24.47 -17.86
CA THR B 9 -2.25 -23.27 -18.46
C THR B 9 -3.57 -23.61 -19.14
N TYR B 10 -4.58 -22.77 -18.92
CA TYR B 10 -5.92 -23.07 -19.43
C TYR B 10 -6.61 -21.73 -19.69
N GLN B 11 -6.69 -21.32 -20.96
CA GLN B 11 -7.30 -20.04 -21.26
C GLN B 11 -8.80 -20.06 -21.01
N GLY B 12 -9.45 -21.18 -21.26
CA GLY B 12 -10.87 -21.29 -20.99
C GLY B 12 -11.73 -20.50 -21.98
N SER B 13 -13.02 -20.43 -21.64
CA SER B 13 -14.01 -19.84 -22.54
C SER B 13 -13.81 -18.34 -22.74
N TYR B 14 -13.22 -17.66 -21.76
CA TYR B 14 -13.05 -16.21 -21.83
C TYR B 14 -11.67 -15.79 -22.34
N GLY B 15 -10.81 -16.75 -22.70
CA GLY B 15 -9.50 -16.40 -23.20
C GLY B 15 -8.63 -15.73 -22.17
N PHE B 16 -8.58 -16.30 -20.98
CA PHE B 16 -7.90 -15.71 -19.83
C PHE B 16 -6.40 -15.93 -19.93
N ARG B 17 -5.61 -14.87 -19.72
CA ARG B 17 -4.17 -15.00 -19.59
C ARG B 17 -3.63 -13.78 -18.86
N LEU B 18 -2.43 -13.93 -18.31
CA LEU B 18 -1.76 -12.88 -17.56
C LEU B 18 -0.94 -11.99 -18.48
N GLY B 19 -0.61 -10.81 -17.97
CA GLY B 19 0.36 -9.96 -18.62
C GLY B 19 1.19 -9.24 -17.57
N PHE B 20 2.36 -8.77 -18.00
CA PHE B 20 3.29 -8.10 -17.10
C PHE B 20 3.83 -6.84 -17.76
N LEU B 21 4.04 -5.82 -16.94
CA LEU B 21 4.66 -4.59 -17.39
C LEU B 21 6.12 -4.84 -17.80
N HIS B 22 6.69 -3.90 -18.53
CA HIS B 22 8.08 -4.00 -18.97
C HIS B 22 8.90 -3.00 -18.17
N SER B 23 9.39 -3.45 -17.01
CA SER B 23 10.05 -2.59 -16.04
C SER B 23 11.57 -2.52 -16.21
N GLY B 24 12.17 -3.40 -16.99
CA GLY B 24 13.62 -3.35 -17.16
C GLY B 24 14.36 -3.91 -15.96
N THR B 25 15.69 -3.71 -15.98
CA THR B 25 16.55 -4.34 -14.99
C THR B 25 17.47 -3.33 -14.30
N ALA B 26 17.07 -2.06 -14.23
CA ALA B 26 17.87 -1.06 -13.52
C ALA B 26 18.00 -1.43 -12.04
N LYS B 27 19.00 -0.83 -11.38
CA LYS B 27 19.21 -1.08 -9.96
C LYS B 27 18.02 -0.64 -9.13
N SER B 28 17.28 0.37 -9.59
CA SER B 28 16.15 0.89 -8.86
C SER B 28 14.90 0.03 -8.96
N VAL B 29 14.85 -0.96 -9.85
CA VAL B 29 13.60 -1.68 -10.06
C VAL B 29 13.26 -2.49 -8.82
N THR B 30 11.98 -2.51 -8.48
CA THR B 30 11.46 -3.26 -7.34
C THR B 30 10.73 -4.53 -7.77
N CYS B 31 10.37 -4.63 -9.05
CA CYS B 31 9.61 -5.75 -9.58
C CYS B 31 9.89 -5.77 -11.08
N THR B 32 10.29 -6.93 -11.60
CA THR B 32 10.56 -7.03 -13.03
C THR B 32 10.29 -8.45 -13.49
N TYR B 33 9.74 -8.57 -14.70
CA TYR B 33 9.29 -9.85 -15.21
C TYR B 33 10.14 -10.28 -16.40
N SER B 34 10.54 -11.56 -16.40
CA SER B 34 11.32 -12.12 -17.50
C SER B 34 10.43 -13.00 -18.35
N PRO B 35 10.09 -12.61 -19.58
CA PRO B 35 9.36 -13.54 -20.47
C PRO B 35 10.14 -14.79 -20.81
N ALA B 36 11.48 -14.68 -20.96
CA ALA B 36 12.24 -15.86 -21.37
C ALA B 36 12.22 -16.93 -20.30
N LEU B 37 12.16 -16.53 -19.04
CA LEU B 37 12.14 -17.45 -17.92
C LEU B 37 10.73 -17.68 -17.35
N ASN B 38 9.73 -16.95 -17.86
CA ASN B 38 8.40 -16.86 -17.25
C ASN B 38 8.52 -16.70 -15.74
N LYS B 39 9.29 -15.69 -15.32
CA LYS B 39 9.70 -15.56 -13.94
C LYS B 39 9.63 -14.11 -13.50
N LEU B 40 8.93 -13.86 -12.39
CA LEU B 40 8.84 -12.55 -11.78
C LEU B 40 9.91 -12.42 -10.70
N PHE B 41 10.66 -11.32 -10.70
CA PHE B 41 11.64 -11.00 -9.67
C PHE B 41 11.16 -9.77 -8.91
N CYS B 42 11.07 -9.86 -7.58
CA CYS B 42 10.51 -8.72 -6.88
C CYS B 42 11.13 -8.60 -5.49
N GLN B 43 11.09 -7.38 -4.96
CA GLN B 43 11.55 -7.14 -3.60
C GLN B 43 10.46 -7.49 -2.60
N LEU B 44 10.87 -7.65 -1.35
CA LEU B 44 9.95 -8.05 -0.28
C LEU B 44 8.92 -6.95 -0.04
N ALA B 45 7.64 -7.33 -0.02
CA ALA B 45 6.52 -6.46 0.32
C ALA B 45 6.39 -5.26 -0.62
N LYS B 46 6.91 -5.37 -1.84
CA LYS B 46 6.79 -4.32 -2.84
C LYS B 46 5.69 -4.67 -3.83
N THR B 47 5.09 -3.63 -4.41
CA THR B 47 3.98 -3.80 -5.35
C THR B 47 4.42 -4.61 -6.57
N CYS B 48 3.66 -5.67 -6.88
CA CYS B 48 3.88 -6.49 -8.07
C CYS B 48 2.66 -6.41 -8.96
N PRO B 49 2.66 -5.57 -10.00
CA PRO B 49 1.47 -5.47 -10.86
C PRO B 49 1.37 -6.68 -11.79
N VAL B 50 0.20 -7.31 -11.81
CA VAL B 50 -0.07 -8.41 -12.73
C VAL B 50 -1.31 -8.07 -13.53
N GLN B 51 -1.20 -8.09 -14.85
CA GLN B 51 -2.35 -7.81 -15.69
C GLN B 51 -3.18 -9.07 -15.89
N LEU B 52 -4.50 -8.87 -15.98
CA LEU B 52 -5.44 -9.92 -16.33
C LEU B 52 -6.06 -9.57 -17.68
N TRP B 53 -5.87 -10.45 -18.66
CA TRP B 53 -6.37 -10.24 -20.02
C TRP B 53 -7.45 -11.27 -20.32
N VAL B 54 -8.55 -10.82 -20.95
CA VAL B 54 -9.58 -11.73 -21.42
C VAL B 54 -10.00 -11.31 -22.83
N ASP B 55 -10.40 -12.30 -23.64
CA ASP B 55 -10.98 -12.00 -24.94
C ASP B 55 -12.44 -11.55 -24.83
N SER B 56 -13.16 -12.06 -23.83
CA SER B 56 -14.53 -11.66 -23.59
C SER B 56 -14.76 -11.50 -22.09
N THR B 57 -15.69 -10.61 -21.75
CA THR B 57 -15.91 -10.24 -20.36
C THR B 57 -16.61 -11.35 -19.60
N PRO B 58 -16.04 -11.85 -18.51
CA PRO B 58 -16.70 -12.90 -17.73
C PRO B 58 -17.85 -12.33 -16.91
N PRO B 59 -18.71 -13.18 -16.36
CA PRO B 59 -19.92 -12.70 -15.67
C PRO B 59 -19.61 -11.96 -14.38
N PRO B 60 -20.51 -11.07 -13.94
CA PRO B 60 -20.36 -10.49 -12.60
C PRO B 60 -20.29 -11.58 -11.54
N GLY B 61 -19.40 -11.39 -10.57
CA GLY B 61 -19.15 -12.39 -9.56
C GLY B 61 -17.98 -13.30 -9.85
N THR B 62 -17.40 -13.23 -11.05
CA THR B 62 -16.13 -13.88 -11.34
C THR B 62 -15.07 -13.35 -10.38
N ARG B 63 -14.16 -14.24 -9.95
CA ARG B 63 -13.11 -13.89 -9.00
C ARG B 63 -11.76 -14.34 -9.54
N VAL B 64 -10.69 -13.81 -8.96
CA VAL B 64 -9.31 -14.12 -9.36
C VAL B 64 -8.55 -14.54 -8.12
N ARG B 65 -7.97 -15.73 -8.13
CA ARG B 65 -7.30 -16.31 -6.98
C ARG B 65 -5.83 -16.51 -7.29
N ALA B 66 -4.98 -16.25 -6.29
CA ALA B 66 -3.55 -16.49 -6.40
C ALA B 66 -3.13 -17.49 -5.33
N MET B 67 -2.26 -18.43 -5.71
CA MET B 67 -1.79 -19.45 -4.79
C MET B 67 -0.35 -19.79 -5.17
N ALA B 68 0.51 -19.99 -4.17
CA ALA B 68 1.88 -20.40 -4.43
C ALA B 68 2.06 -21.89 -4.21
N ILE B 69 2.82 -22.55 -5.10
CA ILE B 69 3.29 -23.91 -4.90
C ILE B 69 4.78 -23.97 -5.17
N TYR B 70 5.45 -24.94 -4.56
CA TYR B 70 6.85 -25.18 -4.91
C TYR B 70 6.96 -25.80 -6.29
N LYS B 71 7.96 -25.37 -7.04
CA LYS B 71 8.13 -25.80 -8.43
C LYS B 71 8.66 -27.22 -8.56
N GLN B 72 9.59 -27.62 -7.69
CA GLN B 72 10.24 -28.92 -7.82
C GLN B 72 9.36 -30.04 -7.29
N SER B 73 9.49 -31.22 -7.92
N SER B 73 9.48 -31.22 -7.92
CA SER B 73 8.59 -32.33 -7.61
CA SER B 73 8.59 -32.32 -7.60
C SER B 73 8.71 -32.78 -6.16
C SER B 73 8.72 -32.77 -6.15
N GLN B 74 9.94 -32.76 -5.60
CA GLN B 74 10.12 -33.20 -4.23
C GLN B 74 9.52 -32.25 -3.21
N HIS B 75 9.14 -31.04 -3.61
CA HIS B 75 8.63 -30.05 -2.68
C HIS B 75 7.19 -29.64 -2.94
N MET B 76 6.61 -30.04 -4.07
CA MET B 76 5.30 -29.52 -4.45
C MET B 76 4.18 -29.92 -3.50
N THR B 77 4.34 -31.00 -2.73
CA THR B 77 3.29 -31.36 -1.78
C THR B 77 3.36 -30.57 -0.48
N GLU B 78 4.38 -29.74 -0.30
CA GLU B 78 4.54 -28.94 0.91
C GLU B 78 3.85 -27.58 0.73
N VAL B 79 3.06 -27.18 1.74
CA VAL B 79 2.41 -25.87 1.66
C VAL B 79 3.47 -24.77 1.65
N VAL B 80 3.33 -23.83 0.72
CA VAL B 80 4.19 -22.65 0.70
C VAL B 80 3.64 -21.67 1.74
N ARG B 81 4.50 -21.25 2.67
CA ARG B 81 4.08 -20.37 3.76
C ARG B 81 5.22 -19.45 4.11
N ARG B 82 4.92 -18.40 4.87
CA ARG B 82 5.98 -17.55 5.37
C ARG B 82 6.84 -18.30 6.38
N CYS B 83 8.09 -17.86 6.50
CA CYS B 83 9.12 -18.51 7.33
C CYS B 83 8.85 -18.25 8.81
N PRO B 84 9.54 -18.97 9.71
CA PRO B 84 9.26 -18.79 11.16
C PRO B 84 9.52 -17.38 11.65
N HIS B 85 10.38 -16.61 11.00
CA HIS B 85 10.62 -15.23 11.39
C HIS B 85 9.48 -14.32 10.91
N HIS B 86 9.21 -14.33 9.60
CA HIS B 86 8.26 -13.38 9.05
C HIS B 86 6.82 -13.67 9.48
N GLU B 87 6.47 -14.95 9.74
CA GLU B 87 5.11 -15.23 10.18
C GLU B 87 4.86 -14.63 11.57
N ARG B 88 5.91 -14.30 12.30
CA ARG B 88 5.78 -13.69 13.62
C ARG B 88 6.00 -12.18 13.58
N CYS B 89 6.23 -11.61 12.41
CA CYS B 89 6.12 -10.18 12.23
C CYS B 89 4.67 -9.77 12.39
N SER B 90 4.41 -8.80 13.27
CA SER B 90 3.02 -8.42 13.50
C SER B 90 2.58 -7.43 12.44
N ASP B 91 2.73 -7.80 11.17
CA ASP B 91 2.60 -6.89 10.04
C ASP B 91 1.34 -7.15 9.20
N SER B 92 0.30 -7.73 9.78
CA SER B 92 -0.93 -7.94 9.02
C SER B 92 -1.59 -6.60 8.70
N ASP B 93 -2.20 -6.52 7.53
CA ASP B 93 -2.99 -5.35 7.18
C ASP B 93 -4.41 -5.41 7.74
N GLY B 94 -4.73 -6.45 8.50
CA GLY B 94 -6.07 -6.66 9.01
C GLY B 94 -6.87 -7.68 8.25
N LEU B 95 -6.46 -8.03 7.03
CA LEU B 95 -7.10 -9.08 6.26
C LEU B 95 -6.21 -10.31 6.10
N ALA B 96 -4.94 -10.12 5.74
CA ALA B 96 -4.06 -11.25 5.45
C ALA B 96 -3.62 -11.94 6.74
N PRO B 97 -3.84 -13.24 6.88
CA PRO B 97 -3.21 -13.97 7.98
C PRO B 97 -1.71 -13.84 7.91
N PRO B 98 -1.03 -13.75 9.06
CA PRO B 98 0.42 -13.54 9.05
C PRO B 98 1.19 -14.69 8.41
N GLN B 99 0.57 -15.86 8.22
CA GLN B 99 1.27 -16.96 7.60
C GLN B 99 1.33 -16.87 6.09
N HIS B 100 0.48 -16.04 5.47
CA HIS B 100 0.30 -16.08 4.01
C HIS B 100 1.44 -15.36 3.30
N LEU B 101 2.03 -16.04 2.30
CA LEU B 101 3.11 -15.45 1.52
C LEU B 101 2.59 -14.33 0.61
N ILE B 102 1.45 -14.56 -0.06
CA ILE B 102 0.95 -13.64 -1.08
C ILE B 102 -0.19 -12.82 -0.50
N ARG B 103 -0.08 -11.51 -0.63
CA ARG B 103 -1.17 -10.60 -0.29
C ARG B 103 -1.58 -9.83 -1.53
N VAL B 104 -2.82 -9.34 -1.51
CA VAL B 104 -3.26 -8.32 -2.47
C VAL B 104 -3.18 -6.96 -1.79
N GLU B 105 -2.62 -5.98 -2.50
CA GLU B 105 -2.47 -4.61 -2.04
C GLU B 105 -3.62 -3.76 -2.57
N GLY B 106 -4.20 -2.94 -1.69
CA GLY B 106 -5.14 -1.93 -2.13
C GLY B 106 -6.47 -2.44 -2.62
N ASN B 107 -6.98 -3.53 -2.05
CA ASN B 107 -8.31 -4.02 -2.38
C ASN B 107 -8.97 -4.50 -1.09
N LEU B 108 -9.93 -3.73 -0.59
CA LEU B 108 -10.62 -4.08 0.65
C LEU B 108 -11.56 -5.26 0.49
N ARG B 109 -11.79 -5.75 -0.72
CA ARG B 109 -12.59 -6.95 -0.95
C ARG B 109 -11.75 -8.21 -1.05
N ALA B 110 -10.44 -8.11 -0.83
CA ALA B 110 -9.60 -9.30 -0.82
C ALA B 110 -10.01 -10.23 0.30
N GLU B 111 -10.11 -11.51 -0.01
CA GLU B 111 -10.38 -12.56 0.96
C GLU B 111 -9.25 -13.58 0.96
N TYR B 112 -8.91 -14.06 2.15
CA TYR B 112 -7.79 -14.99 2.33
C TYR B 112 -8.34 -16.33 2.77
N LEU B 113 -7.92 -17.40 2.10
CA LEU B 113 -8.43 -18.73 2.40
C LEU B 113 -7.32 -19.60 2.96
N ASP B 114 -7.59 -20.24 4.10
N ASP B 114 -7.60 -20.25 4.09
CA ASP B 114 -6.84 -21.39 4.58
CA ASP B 114 -6.83 -21.39 4.56
C ASP B 114 -7.70 -22.61 4.25
C ASP B 114 -7.67 -22.62 4.26
N ASP B 115 -7.25 -23.41 3.26
CA ASP B 115 -8.08 -24.50 2.79
C ASP B 115 -8.25 -25.55 3.89
N ARG B 116 -9.51 -25.94 4.15
CA ARG B 116 -9.78 -26.85 5.26
C ARG B 116 -9.24 -28.24 5.01
N ASN B 117 -9.02 -28.63 3.76
CA ASN B 117 -8.57 -29.97 3.44
C ASN B 117 -7.09 -30.04 3.09
N THR B 118 -6.61 -29.09 2.29
CA THR B 118 -5.23 -29.10 1.83
C THR B 118 -4.33 -28.20 2.66
N PHE B 119 -4.90 -27.30 3.46
CA PHE B 119 -4.19 -26.34 4.27
C PHE B 119 -3.41 -25.32 3.45
N ARG B 120 -3.65 -25.28 2.15
CA ARG B 120 -2.95 -24.31 1.32
C ARG B 120 -3.58 -22.93 1.46
N HIS B 121 -2.76 -21.91 1.26
CA HIS B 121 -3.18 -20.53 1.40
C HIS B 121 -3.48 -19.94 0.03
N SER B 122 -4.48 -19.07 -0.03
CA SER B 122 -4.71 -18.34 -1.27
C SER B 122 -5.39 -17.02 -0.94
N VAL B 123 -5.30 -16.08 -1.88
CA VAL B 123 -5.98 -14.80 -1.74
C VAL B 123 -6.78 -14.56 -3.01
N VAL B 124 -8.03 -14.12 -2.86
CA VAL B 124 -8.97 -14.02 -3.97
C VAL B 124 -9.64 -12.65 -3.93
N VAL B 125 -9.83 -12.06 -5.10
CA VAL B 125 -10.54 -10.77 -5.21
C VAL B 125 -11.60 -10.88 -6.30
N PRO B 126 -12.61 -10.01 -6.26
CA PRO B 126 -13.54 -9.93 -7.38
C PRO B 126 -12.80 -9.50 -8.65
N CYS B 127 -13.14 -10.15 -9.76
CA CYS B 127 -12.67 -9.70 -11.06
C CYS B 127 -13.49 -8.48 -11.48
N GLU B 128 -12.81 -7.44 -11.93
CA GLU B 128 -13.56 -6.28 -12.35
C GLU B 128 -13.22 -5.96 -13.80
N PRO B 129 -14.13 -5.33 -14.54
CA PRO B 129 -13.84 -4.94 -15.92
C PRO B 129 -12.80 -3.84 -15.95
N PRO B 130 -12.08 -3.67 -17.06
CA PRO B 130 -11.11 -2.58 -17.16
C PRO B 130 -11.76 -1.23 -17.00
N GLU B 131 -11.03 -0.30 -16.39
CA GLU B 131 -11.45 1.09 -16.38
C GLU B 131 -11.54 1.63 -17.80
N VAL B 132 -12.34 2.68 -17.99
CA VAL B 132 -12.39 3.34 -19.29
C VAL B 132 -11.01 3.88 -19.62
N GLY B 133 -10.58 3.66 -20.86
CA GLY B 133 -9.21 3.99 -21.24
C GLY B 133 -8.19 2.91 -20.96
N SER B 134 -8.62 1.73 -20.53
CA SER B 134 -7.73 0.61 -20.31
C SER B 134 -8.29 -0.63 -20.99
N ASP B 135 -7.38 -1.49 -21.45
CA ASP B 135 -7.75 -2.73 -22.12
C ASP B 135 -7.65 -3.95 -21.21
N CYS B 136 -7.14 -3.78 -19.99
CA CYS B 136 -7.02 -4.89 -19.07
C CYS B 136 -7.21 -4.39 -17.66
N THR B 137 -7.45 -5.32 -16.74
N THR B 137 -7.40 -5.32 -16.75
CA THR B 137 -7.46 -5.05 -15.31
CA THR B 137 -7.43 -5.01 -15.33
C THR B 137 -6.12 -5.45 -14.73
C THR B 137 -6.11 -5.47 -14.71
N THR B 138 -5.75 -4.83 -13.60
CA THR B 138 -4.48 -5.10 -12.93
C THR B 138 -4.74 -5.41 -11.47
N ILE B 139 -4.04 -6.41 -10.95
CA ILE B 139 -4.04 -6.73 -9.52
C ILE B 139 -2.64 -6.45 -9.00
N HIS B 140 -2.55 -5.87 -7.80
CA HIS B 140 -1.26 -5.58 -7.16
C HIS B 140 -1.00 -6.62 -6.08
N TYR B 141 0.00 -7.48 -6.29
CA TYR B 141 0.39 -8.48 -5.31
C TYR B 141 1.62 -8.03 -4.51
N ASN B 142 1.73 -8.54 -3.28
CA ASN B 142 2.95 -8.41 -2.47
C ASN B 142 3.38 -9.80 -2.03
N TYR B 143 4.69 -10.07 -2.08
CA TYR B 143 5.24 -11.31 -1.57
C TYR B 143 5.97 -11.00 -0.27
N MET B 144 5.62 -11.73 0.79
CA MET B 144 5.96 -11.29 2.14
C MET B 144 7.11 -12.08 2.77
N CYS B 145 7.84 -12.85 1.97
CA CYS B 145 9.03 -13.59 2.38
C CYS B 145 10.03 -13.57 1.25
N TYR B 146 11.33 -13.56 1.59
CA TYR B 146 12.36 -13.79 0.59
C TYR B 146 12.40 -15.26 0.19
N SER B 147 12.78 -15.51 -1.08
CA SER B 147 13.00 -16.88 -1.52
C SER B 147 14.03 -17.60 -0.67
N SER B 148 15.00 -16.86 -0.13
CA SER B 148 16.08 -17.40 0.67
C SER B 148 15.71 -17.63 2.13
N CYS B 149 14.51 -17.23 2.58
CA CYS B 149 14.23 -17.25 4.02
C CYS B 149 14.34 -18.66 4.58
N MET B 150 15.15 -18.83 5.62
CA MET B 150 15.36 -20.18 6.16
C MET B 150 14.16 -20.61 7.00
N GLY B 151 13.85 -21.91 6.94
CA GLY B 151 12.66 -22.43 7.55
C GLY B 151 11.40 -22.17 6.76
N GLY B 152 11.48 -21.38 5.69
CA GLY B 152 10.38 -21.10 4.77
C GLY B 152 10.72 -21.64 3.40
N MET B 153 10.68 -20.78 2.37
CA MET B 153 11.00 -21.24 1.02
C MET B 153 12.41 -21.83 0.95
N ASN B 154 13.36 -21.27 1.69
N ASN B 154 13.36 -21.27 1.71
CA ASN B 154 14.67 -21.88 1.88
CA ASN B 154 14.67 -21.87 1.88
C ASN B 154 15.38 -22.10 0.55
C ASN B 154 15.37 -22.10 0.54
N ARG B 155 15.34 -21.07 -0.31
CA ARG B 155 15.98 -21.03 -1.62
C ARG B 155 15.29 -21.91 -2.65
N ARG B 156 14.14 -22.53 -2.30
CA ARG B 156 13.43 -23.34 -3.27
C ARG B 156 12.56 -22.47 -4.17
N PRO B 157 12.54 -22.74 -5.48
CA PRO B 157 11.71 -21.94 -6.38
C PRO B 157 10.22 -22.23 -6.19
N ILE B 158 9.41 -21.19 -6.36
CA ILE B 158 7.96 -21.30 -6.27
C ILE B 158 7.33 -20.81 -7.56
N LEU B 159 6.13 -21.30 -7.81
CA LEU B 159 5.24 -20.80 -8.85
C LEU B 159 4.07 -20.12 -8.19
N THR B 160 3.60 -19.03 -8.77
CA THR B 160 2.29 -18.50 -8.43
C THR B 160 1.30 -18.97 -9.50
N ILE B 161 0.19 -19.56 -9.05
CA ILE B 161 -0.89 -19.99 -9.93
C ILE B 161 -2.02 -18.99 -9.78
N ILE B 162 -2.43 -18.39 -10.90
CA ILE B 162 -3.55 -17.46 -10.92
C ILE B 162 -4.73 -18.16 -11.59
N THR B 163 -5.87 -18.23 -10.89
CA THR B 163 -7.04 -18.90 -11.45
C THR B 163 -8.20 -17.91 -11.54
N LEU B 164 -8.87 -17.93 -12.70
CA LEU B 164 -10.13 -17.24 -12.89
C LEU B 164 -11.23 -18.23 -12.50
N GLU B 165 -12.14 -17.81 -11.61
CA GLU B 165 -13.15 -18.69 -11.03
C GLU B 165 -14.51 -18.05 -11.12
N ASP B 166 -15.55 -18.88 -11.18
CA ASP B 166 -16.89 -18.31 -11.06
C ASP B 166 -17.21 -18.09 -9.58
N SER B 167 -18.44 -17.64 -9.30
CA SER B 167 -18.80 -17.28 -7.92
C SER B 167 -18.85 -18.48 -6.98
N SER B 168 -18.90 -19.70 -7.50
CA SER B 168 -18.80 -20.91 -6.69
C SER B 168 -17.37 -21.38 -6.49
N GLY B 169 -16.40 -20.76 -7.17
CA GLY B 169 -15.04 -21.26 -7.13
C GLY B 169 -14.69 -22.23 -8.23
N ASN B 170 -15.61 -22.50 -9.17
CA ASN B 170 -15.29 -23.40 -10.27
C ASN B 170 -14.29 -22.75 -11.23
N LEU B 171 -13.41 -23.58 -11.78
CA LEU B 171 -12.35 -23.08 -12.65
C LEU B 171 -12.91 -22.50 -13.94
N LEU B 172 -12.49 -21.27 -14.27
CA LEU B 172 -12.74 -20.70 -15.60
C LEU B 172 -11.48 -20.53 -16.43
N GLY B 173 -10.34 -20.35 -15.79
CA GLY B 173 -9.08 -20.15 -16.49
C GLY B 173 -7.92 -20.23 -15.52
N ARG B 174 -6.74 -20.49 -16.06
CA ARG B 174 -5.56 -20.67 -15.22
C ARG B 174 -4.30 -20.22 -15.95
N ASP B 175 -3.38 -19.60 -15.21
CA ASP B 175 -2.08 -19.22 -15.74
C ASP B 175 -1.12 -19.25 -14.55
N SER B 176 0.17 -19.14 -14.83
CA SER B 176 1.15 -19.28 -13.76
C SER B 176 2.48 -18.66 -14.18
N PHE B 177 3.30 -18.36 -13.18
CA PHE B 177 4.64 -17.81 -13.40
C PHE B 177 5.51 -18.14 -12.20
N GLU B 178 6.81 -18.31 -12.45
CA GLU B 178 7.75 -18.51 -11.35
C GLU B 178 8.02 -17.18 -10.67
N VAL B 179 8.37 -17.23 -9.38
CA VAL B 179 8.65 -16.03 -8.59
C VAL B 179 9.96 -16.22 -7.85
N ARG B 180 10.81 -15.18 -7.87
CA ARG B 180 11.92 -15.08 -6.93
C ARG B 180 11.78 -13.77 -6.17
N VAL B 181 11.75 -13.85 -4.85
CA VAL B 181 11.67 -12.68 -3.99
C VAL B 181 13.08 -12.43 -3.47
N CYS B 182 13.63 -11.26 -3.80
CA CYS B 182 15.05 -11.00 -3.59
C CYS B 182 15.29 -9.51 -3.42
N ALA B 183 16.48 -9.18 -2.91
CA ALA B 183 16.82 -7.78 -2.66
C ALA B 183 17.14 -7.02 -3.94
N CYS B 184 17.67 -7.70 -4.96
CA CYS B 184 18.14 -7.06 -6.20
C CYS B 184 17.49 -7.73 -7.39
N PRO B 185 16.20 -7.47 -7.63
CA PRO B 185 15.52 -8.18 -8.73
C PRO B 185 16.08 -7.88 -10.11
N GLY B 186 16.46 -6.63 -10.38
CA GLY B 186 17.04 -6.31 -11.69
C GLY B 186 18.34 -7.04 -11.93
N ARG B 187 19.24 -7.00 -10.95
CA ARG B 187 20.50 -7.73 -11.07
C ARG B 187 20.26 -9.23 -11.22
N ASP B 188 19.33 -9.78 -10.44
CA ASP B 188 19.10 -11.21 -10.49
C ASP B 188 18.44 -11.65 -11.80
N ARG B 189 17.52 -10.84 -12.32
CA ARG B 189 16.96 -11.17 -13.63
C ARG B 189 18.04 -11.16 -14.72
N ARG B 190 18.90 -10.15 -14.71
CA ARG B 190 19.95 -10.08 -15.72
C ARG B 190 20.85 -11.30 -15.64
N THR B 191 21.22 -11.70 -14.42
CA THR B 191 22.10 -12.86 -14.25
C THR B 191 21.45 -14.13 -14.79
N GLU B 192 20.21 -14.42 -14.36
CA GLU B 192 19.55 -15.65 -14.78
C GLU B 192 19.28 -15.65 -16.28
N GLU B 193 18.97 -14.48 -16.84
CA GLU B 193 18.82 -14.40 -18.29
C GLU B 193 20.16 -14.65 -18.97
N GLU B 194 21.24 -14.06 -18.45
CA GLU B 194 22.55 -14.31 -19.03
C GLU B 194 22.90 -15.79 -18.96
N ASN B 195 22.63 -16.43 -17.81
CA ASN B 195 22.91 -17.86 -17.69
C ASN B 195 22.13 -18.66 -18.72
N LEU B 196 20.86 -18.29 -18.94
CA LEU B 196 20.04 -19.02 -19.90
C LEU B 196 20.60 -18.90 -21.32
N ARG B 197 21.16 -17.74 -21.66
CA ARG B 197 21.73 -17.54 -22.98
C ARG B 197 23.08 -18.25 -23.15
N LYS B 198 23.71 -18.66 -22.06
CA LYS B 198 24.98 -19.39 -22.13
C LYS B 198 24.75 -20.90 -22.09
#